data_4IWR
#
_entry.id   4IWR
#
_cell.length_a   48.020
_cell.length_b   48.020
_cell.length_c   218.350
_cell.angle_alpha   90.000
_cell.angle_beta   90.000
_cell.angle_gamma   120.000
#
_symmetry.space_group_name_H-M   'P 32'
#
loop_
_entity.id
_entity.type
_entity.pdbx_description
1 polymer 'Regulatory protein'
2 polymer 'DNA (25-MER)'
3 polymer 'DNA (25-MER)'
4 water water
#
loop_
_entity_poly.entity_id
_entity_poly.type
_entity_poly.pdbx_seq_one_letter_code
_entity_poly.pdbx_strand_id
1 'polypeptide(L)'
;GSHMESFLLSKVSFVIKKIRLEKGMTQEDLAYKSNLDRTYISGIERNSRNLTIKSLELIMKGLEVSDVVFFEMLIKEILK
HD
;
A,B,E,F
2 'polydeoxyribonucleotide'
;(DA)(DT)(DG)(DT)(DG)(DA)(DC)(DT)(DT)(DA)(DT)(DA)(DG)(DT)(DC)(DC)(DG)(DT)(DG)(DT)
(DG)(DA)(DT)(DT)(DA)
;
C,G
3 'polydeoxyribonucleotide'
;(DT)(DA)(DA)(DT)(DC)(DA)(DC)(DA)(DC)(DG)(DG)(DA)(DC)(DT)(DA)(DT)(DA)(DA)(DG)(DT)
(DC)(DA)(DC)(DA)(DT)
;
D,H
#
# COMPACT_ATOMS: atom_id res chain seq x y z
N GLU A 5 -32.63 9.35 6.44
CA GLU A 5 -33.10 8.13 5.70
C GLU A 5 -32.20 7.79 4.52
N SER A 6 -31.63 6.59 4.55
CA SER A 6 -30.70 6.08 3.55
C SER A 6 -31.17 4.72 3.03
N PHE A 7 -31.23 4.58 1.71
CA PHE A 7 -31.53 3.30 1.04
C PHE A 7 -30.48 2.22 1.31
N LEU A 8 -29.22 2.62 1.15
CA LEU A 8 -28.09 1.71 1.30
C LEU A 8 -27.97 1.20 2.75
N LEU A 9 -28.17 2.08 3.72
CA LEU A 9 -27.97 1.71 5.12
C LEU A 9 -28.99 0.67 5.58
N SER A 10 -30.19 0.72 5.05
CA SER A 10 -31.25 -0.14 5.50
C SER A 10 -31.21 -1.42 4.72
N LYS A 11 -30.51 -1.41 3.58
CA LYS A 11 -30.17 -2.67 2.97
C LYS A 11 -29.05 -3.31 3.73
N VAL A 12 -28.04 -2.53 4.11
CA VAL A 12 -26.92 -3.15 4.79
C VAL A 12 -27.36 -3.84 6.10
N SER A 13 -28.23 -3.18 6.86
CA SER A 13 -28.75 -3.72 8.09
C SER A 13 -29.72 -4.90 7.89
N PHE A 14 -30.48 -4.89 6.79
CA PHE A 14 -31.34 -6.02 6.54
C PHE A 14 -30.45 -7.22 6.23
N VAL A 15 -29.53 -7.09 5.27
CA VAL A 15 -28.56 -8.12 4.98
C VAL A 15 -27.86 -8.68 6.23
N ILE A 16 -27.50 -7.85 7.19
CA ILE A 16 -26.81 -8.34 8.39
C ILE A 16 -27.72 -9.30 9.17
N LYS A 17 -28.92 -8.82 9.52
CA LYS A 17 -29.92 -9.61 10.24
C LYS A 17 -30.18 -10.95 9.53
N LYS A 18 -30.38 -10.88 8.22
CA LYS A 18 -30.73 -12.05 7.46
C LYS A 18 -29.69 -13.16 7.68
N ILE A 19 -28.44 -12.84 7.37
CA ILE A 19 -27.34 -13.77 7.51
C ILE A 19 -27.31 -14.35 8.93
N ARG A 20 -27.26 -13.46 9.93
CA ARG A 20 -27.27 -13.90 11.33
C ARG A 20 -28.34 -14.97 11.58
N LEU A 21 -29.58 -14.72 11.12
CA LEU A 21 -30.68 -15.66 11.27
C LEU A 21 -30.58 -16.92 10.38
N GLU A 22 -30.25 -16.76 9.10
CA GLU A 22 -29.88 -17.89 8.28
C GLU A 22 -28.97 -18.84 9.06
N LYS A 23 -27.84 -18.35 9.58
CA LYS A 23 -26.90 -19.16 10.36
C LYS A 23 -27.30 -19.45 11.80
N GLY A 24 -28.59 -19.32 12.13
CA GLY A 24 -29.07 -19.73 13.44
C GLY A 24 -28.42 -19.04 14.64
N MET A 25 -27.77 -17.90 14.40
CA MET A 25 -27.05 -17.15 15.46
C MET A 25 -27.93 -16.12 16.17
N THR A 26 -27.62 -15.88 17.43
CA THR A 26 -28.22 -14.77 18.15
C THR A 26 -27.36 -13.47 18.04
N GLN A 27 -27.89 -12.36 18.56
CA GLN A 27 -27.15 -11.08 18.65
C GLN A 27 -26.03 -11.25 19.66
N GLU A 28 -26.34 -11.84 20.81
CA GLU A 28 -25.28 -12.11 21.75
C GLU A 28 -24.17 -12.91 21.02
N ASP A 29 -24.52 -13.87 20.14
CA ASP A 29 -23.48 -14.66 19.43
C ASP A 29 -22.69 -13.82 18.49
N LEU A 30 -23.38 -13.05 17.66
CA LEU A 30 -22.69 -12.17 16.68
C LEU A 30 -21.84 -11.13 17.42
N ALA A 31 -22.31 -10.72 18.61
CA ALA A 31 -21.65 -9.69 19.42
C ALA A 31 -20.31 -10.13 19.94
N TYR A 32 -20.30 -11.31 20.61
CA TYR A 32 -19.07 -11.95 21.10
C TYR A 32 -18.02 -12.15 20.02
N LYS A 33 -18.49 -12.50 18.82
CA LYS A 33 -17.63 -12.85 17.68
C LYS A 33 -17.10 -11.63 16.90
N SER A 34 -17.90 -10.58 16.80
CA SER A 34 -17.41 -9.30 16.23
C SER A 34 -16.77 -8.42 17.31
N ASN A 35 -16.77 -8.88 18.56
CA ASN A 35 -16.26 -8.08 19.66
C ASN A 35 -16.97 -6.71 19.79
N LEU A 36 -18.25 -6.66 19.44
CA LEU A 36 -19.11 -5.49 19.59
C LEU A 36 -20.15 -5.80 20.63
N ASP A 37 -20.68 -4.76 21.25
CA ASP A 37 -21.73 -4.87 22.23
C ASP A 37 -22.97 -5.41 21.51
N ARG A 38 -23.72 -6.25 22.19
CA ARG A 38 -24.88 -6.79 21.53
C ARG A 38 -26.04 -5.79 21.43
N THR A 39 -26.05 -4.73 22.25
CA THR A 39 -27.08 -3.73 22.09
C THR A 39 -26.71 -2.82 20.91
N TYR A 40 -25.42 -2.67 20.61
CA TYR A 40 -24.99 -1.99 19.39
C TYR A 40 -25.51 -2.70 18.11
N ILE A 41 -25.32 -4.03 18.06
CA ILE A 41 -25.85 -4.87 16.99
C ILE A 41 -27.35 -4.67 16.80
N SER A 42 -28.12 -4.67 17.90
CA SER A 42 -29.59 -4.49 17.81
C SER A 42 -29.93 -3.13 17.20
N GLY A 43 -29.16 -2.11 17.53
CA GLY A 43 -29.37 -0.79 16.94
C GLY A 43 -29.09 -0.77 15.44
N ILE A 44 -28.07 -1.48 15.02
CA ILE A 44 -27.72 -1.64 13.65
C ILE A 44 -28.81 -2.36 12.85
N GLU A 45 -29.39 -3.40 13.42
CA GLU A 45 -30.43 -4.18 12.73
C GLU A 45 -31.75 -3.42 12.66
N ARG A 46 -31.98 -2.56 13.63
CA ARG A 46 -33.23 -1.83 13.64
C ARG A 46 -33.06 -0.54 12.85
N ASN A 47 -31.94 -0.43 12.12
CA ASN A 47 -31.76 0.58 11.12
C ASN A 47 -31.69 1.99 11.77
N SER A 48 -31.30 2.03 13.06
CA SER A 48 -31.15 3.24 13.79
C SER A 48 -29.68 3.60 14.05
N ARG A 49 -28.74 3.05 13.27
CA ARG A 49 -27.31 3.37 13.42
C ARG A 49 -26.53 3.36 12.13
N ASN A 50 -25.96 4.50 11.81
CA ASN A 50 -25.15 4.72 10.63
C ASN A 50 -23.70 4.25 10.80
N LEU A 51 -23.48 2.94 10.80
CA LEU A 51 -22.16 2.39 11.15
C LEU A 51 -21.12 2.83 10.16
N THR A 52 -19.86 2.82 10.59
CA THR A 52 -18.73 3.12 9.73
C THR A 52 -18.31 1.81 9.03
N ILE A 53 -17.31 1.91 8.15
CA ILE A 53 -16.76 0.79 7.52
C ILE A 53 -15.96 -0.11 8.45
N LYS A 54 -15.23 0.47 9.40
CA LYS A 54 -14.53 -0.37 10.38
C LYS A 54 -15.54 -1.22 11.16
N SER A 55 -16.63 -0.60 11.59
CA SER A 55 -17.66 -1.33 12.30
C SER A 55 -18.23 -2.47 11.43
N LEU A 56 -18.48 -2.18 10.17
CA LEU A 56 -19.07 -3.11 9.22
C LEU A 56 -18.16 -4.30 9.02
N GLU A 57 -16.86 -4.02 8.92
CA GLU A 57 -15.81 -5.04 8.79
C GLU A 57 -15.77 -5.98 10.01
N LEU A 58 -16.09 -5.50 11.20
CA LEU A 58 -16.10 -6.38 12.36
C LEU A 58 -17.35 -7.23 12.33
N ILE A 59 -18.44 -6.68 11.85
CA ILE A 59 -19.70 -7.41 11.77
C ILE A 59 -19.56 -8.61 10.80
N MET A 60 -18.85 -8.39 9.72
CA MET A 60 -18.66 -9.39 8.70
C MET A 60 -17.85 -10.56 9.25
N LYS A 61 -16.67 -10.26 9.81
CA LYS A 61 -15.94 -11.20 10.64
C LYS A 61 -16.85 -11.88 11.64
N GLY A 62 -17.73 -11.12 12.25
CA GLY A 62 -18.65 -11.70 13.24
C GLY A 62 -19.68 -12.66 12.66
N LEU A 63 -20.18 -12.36 11.47
CA LEU A 63 -21.08 -13.26 10.75
C LEU A 63 -20.35 -14.50 10.18
N GLU A 64 -19.01 -14.54 10.33
CA GLU A 64 -18.16 -15.59 9.80
C GLU A 64 -18.30 -15.66 8.30
N VAL A 65 -18.18 -14.49 7.66
CA VAL A 65 -18.36 -14.37 6.20
C VAL A 65 -17.27 -13.53 5.58
N SER A 66 -16.95 -13.82 4.33
CA SER A 66 -15.99 -13.02 3.61
C SER A 66 -16.57 -11.65 3.25
N ASP A 67 -15.71 -10.75 2.83
CA ASP A 67 -16.21 -9.43 2.45
C ASP A 67 -16.91 -9.64 1.10
N VAL A 68 -16.22 -10.34 0.19
CA VAL A 68 -16.79 -10.64 -1.14
C VAL A 68 -18.21 -11.23 -1.04
N VAL A 69 -18.43 -12.17 -0.12
CA VAL A 69 -19.75 -12.82 -0.06
C VAL A 69 -20.79 -11.90 0.50
N PHE A 70 -20.41 -11.15 1.53
CA PHE A 70 -21.32 -10.21 2.14
C PHE A 70 -21.76 -9.18 1.11
N PHE A 71 -20.80 -8.68 0.33
CA PHE A 71 -21.17 -7.70 -0.69
C PHE A 71 -21.99 -8.35 -1.79
N GLU A 72 -21.55 -9.49 -2.32
CA GLU A 72 -22.39 -10.24 -3.24
C GLU A 72 -23.81 -10.27 -2.65
N MET A 73 -23.94 -10.81 -1.43
CA MET A 73 -25.25 -10.93 -0.78
C MET A 73 -26.04 -9.63 -0.72
N LEU A 74 -25.31 -8.51 -0.59
CA LEU A 74 -25.89 -7.18 -0.50
C LEU A 74 -26.35 -6.72 -1.85
N ILE A 75 -25.59 -7.03 -2.89
CA ILE A 75 -26.07 -6.71 -4.23
C ILE A 75 -27.26 -7.61 -4.57
N LYS A 76 -27.36 -8.76 -3.91
CA LYS A 76 -28.52 -9.65 -4.13
C LYS A 76 -29.73 -9.13 -3.36
N GLU A 77 -29.50 -8.50 -2.21
CA GLU A 77 -30.61 -7.92 -1.46
C GLU A 77 -31.12 -6.63 -2.12
N ILE A 78 -30.21 -5.82 -2.67
CA ILE A 78 -30.58 -4.81 -3.66
C ILE A 78 -31.03 -5.63 -4.86
N LEU A 79 -32.15 -5.24 -5.47
CA LEU A 79 -32.80 -6.09 -6.50
C LEU A 79 -33.15 -5.27 -7.72
N GLU B 5 -3.94 0.65 8.80
CA GLU B 5 -5.04 0.16 9.71
C GLU B 5 -5.91 -0.93 9.02
N SER B 6 -7.02 -0.57 8.39
CA SER B 6 -7.99 -1.56 7.92
C SER B 6 -7.87 -1.89 6.42
N PHE B 7 -8.11 -3.15 6.12
CA PHE B 7 -7.93 -3.69 4.81
C PHE B 7 -8.98 -3.07 3.90
N LEU B 8 -10.22 -3.16 4.38
CA LEU B 8 -11.39 -2.82 3.60
C LEU B 8 -11.36 -1.31 3.34
N LEU B 9 -10.78 -0.54 4.26
CA LEU B 9 -10.75 0.91 4.10
C LEU B 9 -9.84 1.35 2.97
N SER B 10 -8.69 0.68 2.85
CA SER B 10 -7.77 0.98 1.78
C SER B 10 -8.37 0.60 0.44
N LYS B 11 -9.06 -0.54 0.37
CA LYS B 11 -9.71 -0.93 -0.88
C LYS B 11 -10.82 0.06 -1.23
N VAL B 12 -11.65 0.38 -0.26
CA VAL B 12 -12.74 1.35 -0.53
C VAL B 12 -12.22 2.73 -0.98
N SER B 13 -11.16 3.19 -0.35
CA SER B 13 -10.59 4.47 -0.69
C SER B 13 -9.84 4.42 -1.98
N PHE B 14 -9.31 3.23 -2.34
CA PHE B 14 -8.71 3.03 -3.69
C PHE B 14 -9.78 3.08 -4.79
N VAL B 15 -10.90 2.39 -4.62
CA VAL B 15 -11.89 2.25 -5.70
C VAL B 15 -12.55 3.58 -5.96
N ILE B 16 -12.78 4.32 -4.89
CA ILE B 16 -13.29 5.70 -5.02
C ILE B 16 -12.43 6.58 -5.91
N LYS B 17 -11.11 6.50 -5.72
CA LYS B 17 -10.16 7.35 -6.39
C LYS B 17 -10.01 6.89 -7.84
N LYS B 18 -9.96 5.58 -8.03
CA LYS B 18 -9.94 5.02 -9.38
C LYS B 18 -11.13 5.54 -10.24
N ILE B 19 -12.35 5.17 -9.86
CA ILE B 19 -13.56 5.57 -10.60
C ILE B 19 -13.50 7.07 -10.82
N ARG B 20 -13.24 7.82 -9.77
CA ARG B 20 -13.15 9.27 -9.90
C ARG B 20 -12.31 9.69 -11.11
N LEU B 21 -11.13 9.09 -11.22
CA LEU B 21 -10.19 9.42 -12.29
C LEU B 21 -10.66 8.87 -13.65
N GLU B 22 -11.22 7.66 -13.64
CA GLU B 22 -11.84 7.08 -14.83
C GLU B 22 -12.99 7.91 -15.39
N LYS B 23 -13.49 8.87 -14.61
CA LYS B 23 -14.47 9.85 -15.09
C LYS B 23 -13.88 11.26 -15.00
N GLY B 24 -12.56 11.35 -15.10
CA GLY B 24 -11.85 12.62 -15.05
C GLY B 24 -12.59 13.67 -14.24
N MET B 25 -12.87 13.35 -12.98
CA MET B 25 -13.42 14.31 -12.04
C MET B 25 -12.31 14.69 -11.05
N THR B 26 -12.39 15.92 -10.53
CA THR B 26 -11.49 16.35 -9.46
C THR B 26 -12.06 16.03 -8.07
N GLN B 27 -11.22 16.19 -7.04
CA GLN B 27 -11.67 16.09 -5.65
C GLN B 27 -12.69 17.18 -5.30
N GLU B 28 -12.42 18.40 -5.74
CA GLU B 28 -13.41 19.49 -5.64
C GLU B 28 -14.77 19.08 -6.24
N ASP B 29 -14.75 18.39 -7.39
CA ASP B 29 -15.96 18.02 -8.12
C ASP B 29 -16.71 16.96 -7.36
N LEU B 30 -15.96 15.94 -6.97
CA LEU B 30 -16.56 14.85 -6.22
C LEU B 30 -17.17 15.37 -4.93
N ALA B 31 -16.43 16.22 -4.22
CA ALA B 31 -16.95 16.85 -3.02
C ALA B 31 -18.26 17.56 -3.28
N TYR B 32 -18.30 18.36 -4.34
CA TYR B 32 -19.53 19.09 -4.65
C TYR B 32 -20.71 18.19 -4.99
N LYS B 33 -20.50 17.22 -5.88
CA LYS B 33 -21.59 16.31 -6.25
C LYS B 33 -22.02 15.37 -5.06
N SER B 34 -21.15 15.17 -4.08
CA SER B 34 -21.45 14.27 -2.92
C SER B 34 -21.96 14.99 -1.68
N ASN B 35 -21.91 16.32 -1.70
CA ASN B 35 -22.31 17.12 -0.55
C ASN B 35 -21.40 16.82 0.65
N LEU B 36 -20.10 16.68 0.36
CA LEU B 36 -19.03 16.66 1.32
C LEU B 36 -18.03 17.76 1.02
N ASP B 37 -17.16 17.97 2.00
CA ASP B 37 -16.16 18.98 1.92
C ASP B 37 -14.98 18.48 1.14
N ARG B 38 -14.37 19.37 0.36
CA ARG B 38 -13.23 18.96 -0.44
C ARG B 38 -12.06 18.41 0.39
N THR B 39 -11.94 18.87 1.64
CA THR B 39 -10.79 18.48 2.44
C THR B 39 -11.04 17.08 2.94
N TYR B 40 -12.30 16.70 3.10
CA TYR B 40 -12.66 15.37 3.54
C TYR B 40 -12.42 14.37 2.40
N ILE B 41 -12.74 14.71 1.14
CA ILE B 41 -12.50 13.76 0.02
C ILE B 41 -10.99 13.57 -0.04
N SER B 42 -10.23 14.63 0.22
CA SER B 42 -8.78 14.47 0.20
C SER B 42 -8.33 13.40 1.21
N GLY B 43 -8.92 13.46 2.41
CA GLY B 43 -8.52 12.59 3.51
C GLY B 43 -8.92 11.15 3.24
N ILE B 44 -10.14 10.96 2.78
CA ILE B 44 -10.59 9.67 2.41
C ILE B 44 -9.63 9.01 1.42
N GLU B 45 -9.24 9.71 0.36
CA GLU B 45 -8.27 9.22 -0.61
C GLU B 45 -6.84 9.02 -0.08
N ARG B 46 -6.40 9.83 0.86
CA ARG B 46 -5.00 9.76 1.30
C ARG B 46 -4.77 8.79 2.44
N ASN B 47 -5.66 8.81 3.42
CA ASN B 47 -5.44 8.17 4.73
C ASN B 47 -6.45 7.08 5.01
N SER B 48 -7.18 6.77 3.95
CA SER B 48 -8.30 5.87 3.99
C SER B 48 -9.54 6.38 4.82
N ARG B 49 -9.39 6.83 6.07
CA ARG B 49 -10.50 7.50 6.88
C ARG B 49 -11.84 6.78 6.89
N ASN B 50 -12.37 6.63 8.10
CA ASN B 50 -13.42 5.69 8.38
C ASN B 50 -14.78 6.28 8.10
N LEU B 51 -15.21 6.26 6.85
CA LEU B 51 -16.53 6.75 6.42
C LEU B 51 -17.65 5.93 6.98
N THR B 52 -18.80 6.55 7.03
CA THR B 52 -20.03 5.86 7.37
C THR B 52 -20.70 5.37 6.11
N ILE B 53 -21.71 4.55 6.31
CA ILE B 53 -22.37 3.96 5.13
C ILE B 53 -23.08 5.06 4.34
N LYS B 54 -23.82 5.90 5.05
CA LYS B 54 -24.45 7.08 4.45
C LYS B 54 -23.51 7.94 3.61
N SER B 55 -22.30 8.20 4.09
CA SER B 55 -21.39 9.07 3.39
C SER B 55 -20.78 8.33 2.21
N LEU B 56 -20.60 7.02 2.37
CA LEU B 56 -20.25 6.14 1.21
C LEU B 56 -21.40 6.23 0.22
N GLU B 57 -22.62 6.13 0.74
CA GLU B 57 -23.79 6.23 -0.15
C GLU B 57 -23.80 7.50 -0.97
N LEU B 58 -23.34 8.61 -0.38
CA LEU B 58 -23.38 9.92 -1.06
C LEU B 58 -22.27 10.00 -2.06
N ILE B 59 -21.10 9.48 -1.71
CA ILE B 59 -19.96 9.40 -2.62
C ILE B 59 -20.28 8.51 -3.84
N MET B 60 -21.11 7.47 -3.68
CA MET B 60 -21.54 6.66 -4.86
C MET B 60 -22.40 7.50 -5.82
N LYS B 61 -23.25 8.37 -5.26
CA LYS B 61 -24.12 9.24 -6.08
C LYS B 61 -23.32 10.31 -6.79
N GLY B 62 -22.34 10.86 -6.09
CA GLY B 62 -21.47 11.89 -6.63
C GLY B 62 -20.54 11.38 -7.72
N LEU B 63 -20.06 10.15 -7.57
CA LEU B 63 -19.28 9.50 -8.63
C LEU B 63 -20.15 9.24 -9.88
N GLU B 64 -21.46 9.12 -9.66
CA GLU B 64 -22.46 8.87 -10.70
C GLU B 64 -22.26 7.48 -11.26
N VAL B 65 -22.42 6.51 -10.36
CA VAL B 65 -22.44 5.07 -10.66
C VAL B 65 -23.50 4.46 -9.77
N SER B 66 -24.06 3.32 -10.15
CA SER B 66 -25.00 2.61 -9.29
C SER B 66 -24.29 1.93 -8.12
N ASP B 67 -25.03 1.75 -7.02
CA ASP B 67 -24.55 1.02 -5.85
C ASP B 67 -24.04 -0.37 -6.29
N VAL B 68 -24.78 -1.03 -7.17
CA VAL B 68 -24.31 -2.31 -7.67
C VAL B 68 -22.94 -2.21 -8.33
N VAL B 69 -22.75 -1.21 -9.19
CA VAL B 69 -21.49 -1.10 -9.91
C VAL B 69 -20.37 -1.06 -8.90
N PHE B 70 -20.43 -0.04 -8.03
CA PHE B 70 -19.38 0.23 -7.04
C PHE B 70 -18.96 -1.03 -6.35
N PHE B 71 -19.93 -1.76 -5.85
CA PHE B 71 -19.61 -2.98 -5.10
C PHE B 71 -19.00 -4.08 -5.96
N GLU B 72 -19.46 -4.24 -7.20
CA GLU B 72 -18.83 -5.22 -8.12
C GLU B 72 -17.35 -4.91 -8.31
N MET B 73 -17.02 -3.62 -8.47
CA MET B 73 -15.63 -3.19 -8.61
C MET B 73 -14.87 -3.38 -7.30
N LEU B 74 -15.56 -3.18 -6.18
CA LEU B 74 -14.94 -3.34 -4.86
C LEU B 74 -14.52 -4.78 -4.62
N ILE B 75 -15.43 -5.70 -4.92
CA ILE B 75 -15.13 -7.13 -4.91
C ILE B 75 -13.86 -7.41 -5.70
N LYS B 76 -13.91 -7.11 -6.98
CA LYS B 76 -12.79 -7.40 -7.87
C LYS B 76 -11.46 -6.93 -7.24
N GLU B 77 -11.41 -5.69 -6.78
CA GLU B 77 -10.14 -5.11 -6.30
C GLU B 77 -9.65 -5.70 -4.94
N ILE B 78 -10.51 -6.45 -4.26
CA ILE B 78 -10.10 -7.27 -3.13
C ILE B 78 -9.46 -8.56 -3.67
N LEU B 79 -10.10 -9.17 -4.65
CA LEU B 79 -9.53 -10.40 -5.27
C LEU B 79 -8.20 -10.11 -6.00
N LYS B 80 -7.22 -9.58 -5.25
CA LYS B 80 -5.92 -9.16 -5.79
C LYS B 80 -6.07 -8.33 -7.06
N GLU E 5 34.03 6.23 -1.51
CA GLU E 5 33.95 6.23 -0.01
C GLU E 5 32.96 5.24 0.59
N SER E 6 32.30 4.39 -0.22
CA SER E 6 31.29 3.41 0.26
C SER E 6 31.45 1.97 -0.32
N PHE E 7 31.56 0.99 0.57
CA PHE E 7 31.55 -0.43 0.17
C PHE E 7 30.39 -0.77 -0.79
N LEU E 8 29.17 -0.57 -0.33
CA LEU E 8 27.98 -0.96 -1.11
C LEU E 8 27.93 -0.29 -2.48
N LEU E 9 28.26 0.99 -2.53
CA LEU E 9 28.07 1.73 -3.78
C LEU E 9 28.92 1.12 -4.87
N SER E 10 30.16 0.79 -4.53
CA SER E 10 31.11 0.26 -5.51
C SER E 10 30.87 -1.20 -5.92
N LYS E 11 30.06 -1.91 -5.14
CA LYS E 11 29.60 -3.20 -5.51
C LYS E 11 28.39 -3.05 -6.37
N VAL E 12 27.53 -2.11 -6.02
CA VAL E 12 26.38 -1.90 -6.85
C VAL E 12 26.83 -1.52 -8.25
N SER E 13 27.91 -0.78 -8.38
CA SER E 13 28.35 -0.30 -9.67
C SER E 13 29.20 -1.33 -10.37
N PHE E 14 29.91 -2.15 -9.58
CA PHE E 14 30.64 -3.26 -10.18
C PHE E 14 29.64 -4.24 -10.79
N VAL E 15 28.65 -4.70 -10.03
CA VAL E 15 27.57 -5.52 -10.55
C VAL E 15 26.89 -5.00 -11.82
N ILE E 16 26.66 -3.69 -11.92
CA ILE E 16 25.92 -3.15 -13.08
C ILE E 16 26.71 -3.32 -14.38
N LYS E 17 28.00 -3.01 -14.33
CA LYS E 17 28.89 -3.20 -15.45
C LYS E 17 28.99 -4.71 -15.85
N LYS E 18 29.19 -5.55 -14.84
CA LYS E 18 29.40 -6.95 -15.05
C LYS E 18 28.25 -7.53 -15.91
N ILE E 19 27.02 -7.33 -15.41
CA ILE E 19 25.82 -7.81 -16.07
C ILE E 19 25.78 -7.25 -17.49
N ARG E 20 25.92 -5.93 -17.63
CA ARG E 20 25.96 -5.26 -18.94
C ARG E 20 26.90 -5.90 -19.94
N LEU E 21 28.18 -6.03 -19.57
CA LEU E 21 29.20 -6.65 -20.41
C LEU E 21 28.93 -8.13 -20.64
N GLU E 22 28.43 -8.83 -19.63
CA GLU E 22 28.04 -10.21 -19.80
C GLU E 22 27.04 -10.34 -20.93
N LYS E 23 26.01 -9.50 -20.91
CA LYS E 23 24.98 -9.51 -21.95
C LYS E 23 25.37 -8.79 -23.24
N GLY E 24 26.65 -8.51 -23.45
CA GLY E 24 27.13 -7.90 -24.70
C GLY E 24 26.57 -6.51 -24.94
N MET E 25 26.06 -5.85 -23.90
CA MET E 25 25.42 -4.54 -24.05
C MET E 25 26.44 -3.40 -23.99
N THR E 26 26.23 -2.37 -24.80
CA THR E 26 27.00 -1.12 -24.63
C THR E 26 26.35 -0.18 -23.60
N GLN E 27 27.07 0.85 -23.21
CA GLN E 27 26.46 1.90 -22.34
C GLN E 27 25.34 2.56 -23.09
N GLU E 28 25.53 2.76 -24.40
CA GLU E 28 24.50 3.40 -25.23
C GLU E 28 23.26 2.52 -25.22
N ASP E 29 23.43 1.19 -25.34
CA ASP E 29 22.32 0.24 -25.29
C ASP E 29 21.59 0.39 -23.94
N LEU E 30 22.32 0.27 -22.84
CA LEU E 30 21.70 0.34 -21.49
C LEU E 30 21.02 1.71 -21.32
N ALA E 31 21.70 2.78 -21.75
CA ALA E 31 21.12 4.13 -21.71
C ALA E 31 19.77 4.23 -22.43
N TYR E 32 19.70 3.71 -23.64
CA TYR E 32 18.44 3.70 -24.39
C TYR E 32 17.33 2.94 -23.69
N LYS E 33 17.66 1.74 -23.18
CA LYS E 33 16.68 0.86 -22.51
C LYS E 33 16.25 1.28 -21.08
N SER E 34 17.14 2.00 -20.37
CA SER E 34 16.83 2.59 -19.00
C SER E 34 16.24 3.99 -19.09
N ASN E 35 16.32 4.57 -20.29
CA ASN E 35 15.96 5.95 -20.52
C ASN E 35 16.80 6.94 -19.72
N LEU E 36 18.09 6.63 -19.56
CA LEU E 36 19.03 7.55 -18.94
C LEU E 36 20.11 7.85 -19.96
N ASP E 37 20.73 8.99 -19.75
CA ASP E 37 21.84 9.47 -20.54
C ASP E 37 23.02 8.49 -20.40
N ARG E 38 23.75 8.24 -21.48
CA ARG E 38 24.80 7.25 -21.39
C ARG E 38 26.08 7.76 -20.72
N THR E 39 26.21 9.07 -20.58
CA THR E 39 27.30 9.59 -19.79
C THR E 39 26.96 9.37 -18.31
N TYR E 40 25.69 9.45 -17.94
CA TYR E 40 25.29 9.13 -16.55
C TYR E 40 25.69 7.72 -16.20
N ILE E 41 25.35 6.78 -17.09
CA ILE E 41 25.75 5.39 -16.88
C ILE E 41 27.26 5.28 -16.60
N SER E 42 28.06 5.98 -17.39
CA SER E 42 29.52 5.83 -17.26
C SER E 42 29.95 6.32 -15.86
N GLY E 43 29.43 7.46 -15.44
CA GLY E 43 29.70 7.92 -14.10
C GLY E 43 29.34 6.91 -13.03
N ILE E 44 28.17 6.33 -13.11
CA ILE E 44 27.81 5.25 -12.24
C ILE E 44 28.81 4.09 -12.23
N GLU E 45 29.24 3.66 -13.41
CA GLU E 45 30.13 2.49 -13.53
C GLU E 45 31.49 2.79 -12.91
N ARG E 46 31.87 4.05 -12.97
CA ARG E 46 33.19 4.39 -12.50
C ARG E 46 33.12 4.87 -11.07
N ASN E 47 31.98 4.62 -10.42
CA ASN E 47 31.88 4.69 -8.99
C ASN E 47 32.01 6.18 -8.55
N SER E 48 31.60 7.08 -9.44
CA SER E 48 31.68 8.47 -9.23
C SER E 48 30.29 9.10 -9.11
N ARG E 49 29.25 8.28 -8.88
CA ARG E 49 27.87 8.75 -8.72
C ARG E 49 27.04 7.93 -7.75
N ASN E 50 26.72 8.54 -6.60
CA ASN E 50 25.85 7.98 -5.54
C ASN E 50 24.37 7.94 -5.86
N LEU E 51 23.98 7.02 -6.72
CA LEU E 51 22.68 7.04 -7.40
C LEU E 51 21.61 6.73 -6.42
N THR E 52 20.38 7.16 -6.75
CA THR E 52 19.26 6.94 -5.85
C THR E 52 18.63 5.56 -6.19
N ILE E 53 17.68 5.13 -5.37
CA ILE E 53 16.97 3.93 -5.62
C ILE E 53 16.07 4.01 -6.83
N LYS E 54 15.47 5.18 -7.09
CA LYS E 54 14.67 5.32 -8.32
C LYS E 54 15.55 5.14 -9.55
N SER E 55 16.77 5.69 -9.51
CA SER E 55 17.71 5.62 -10.62
C SER E 55 18.17 4.18 -10.88
N LEU E 56 18.54 3.49 -9.80
CA LEU E 56 18.90 2.07 -9.81
C LEU E 56 17.83 1.14 -10.37
N GLU E 57 16.57 1.44 -10.06
CA GLU E 57 15.40 0.69 -10.56
C GLU E 57 15.33 0.83 -12.09
N LEU E 58 15.61 2.01 -12.61
CA LEU E 58 15.60 2.22 -14.07
C LEU E 58 16.80 1.57 -14.72
N ILE E 59 17.92 1.55 -14.03
CA ILE E 59 19.11 0.85 -14.50
C ILE E 59 18.76 -0.66 -14.67
N MET E 60 18.19 -1.24 -13.62
CA MET E 60 17.81 -2.66 -13.58
C MET E 60 16.89 -3.08 -14.74
N LYS E 61 15.83 -2.31 -14.94
CA LYS E 61 14.97 -2.45 -16.10
C LYS E 61 15.80 -2.28 -17.37
N GLY E 62 16.72 -1.33 -17.37
CA GLY E 62 17.61 -1.12 -18.49
C GLY E 62 18.41 -2.37 -18.87
N LEU E 63 18.95 -3.04 -17.85
CA LEU E 63 19.72 -4.27 -17.99
C LEU E 63 18.83 -5.49 -18.31
N GLU E 64 17.51 -5.30 -18.32
CA GLU E 64 16.57 -6.33 -18.75
C GLU E 64 16.63 -7.47 -17.74
N VAL E 65 16.47 -7.11 -16.47
CA VAL E 65 16.76 -7.99 -15.34
C VAL E 65 15.87 -7.63 -14.16
N SER E 66 15.46 -8.65 -13.42
CA SER E 66 14.51 -8.44 -12.37
C SER E 66 15.19 -7.86 -11.14
N ASP E 67 14.40 -7.38 -10.22
CA ASP E 67 15.01 -6.80 -9.04
C ASP E 67 15.60 -7.98 -8.25
N VAL E 68 14.77 -8.98 -7.98
CA VAL E 68 15.22 -10.18 -7.25
C VAL E 68 16.59 -10.68 -7.73
N VAL E 69 16.76 -10.77 -9.04
CA VAL E 69 17.96 -11.41 -9.59
C VAL E 69 19.15 -10.47 -9.55
N PHE E 70 18.90 -9.17 -9.78
CA PHE E 70 19.94 -8.15 -9.58
C PHE E 70 20.50 -8.27 -8.19
N PHE E 71 19.60 -8.36 -7.22
CA PHE E 71 20.05 -8.34 -5.84
C PHE E 71 20.78 -9.61 -5.52
N GLU E 72 20.22 -10.77 -5.89
CA GLU E 72 20.96 -12.03 -5.80
C GLU E 72 22.37 -11.79 -6.33
N MET E 73 22.49 -11.39 -7.59
CA MET E 73 23.80 -11.10 -8.19
C MET E 73 24.70 -10.17 -7.35
N LEU E 74 24.08 -9.21 -6.65
CA LEU E 74 24.79 -8.27 -5.77
C LEU E 74 25.31 -8.99 -4.55
N ILE E 75 24.43 -9.70 -3.87
CA ILE E 75 24.88 -10.54 -2.76
C ILE E 75 25.98 -11.51 -3.23
N LYS E 76 25.91 -12.00 -4.46
CA LYS E 76 26.96 -12.91 -4.94
C LYS E 76 28.26 -12.14 -5.22
N GLU E 77 28.15 -10.90 -5.69
CA GLU E 77 29.34 -10.07 -5.90
C GLU E 77 29.98 -9.60 -4.60
N ILE E 78 29.18 -9.30 -3.56
CA ILE E 78 29.75 -9.25 -2.20
C ILE E 78 30.09 -10.71 -1.91
N LEU E 79 31.25 -10.94 -1.30
CA LEU E 79 31.77 -12.30 -1.09
C LEU E 79 32.30 -12.41 0.32
N GLU F 5 4.96 7.13 -7.81
CA GLU F 5 5.26 6.04 -6.81
C GLU F 5 6.18 4.98 -7.43
N SER F 6 7.04 4.40 -6.59
CA SER F 6 8.01 3.41 -7.03
C SER F 6 7.87 2.17 -6.22
N PHE F 7 7.71 1.07 -6.95
CA PHE F 7 7.56 -0.24 -6.42
C PHE F 7 8.73 -0.53 -5.51
N LEU F 8 9.92 -0.35 -6.03
CA LEU F 8 11.11 -0.69 -5.27
C LEU F 8 11.18 0.18 -4.00
N LEU F 9 10.75 1.44 -4.05
CA LEU F 9 10.86 2.27 -2.84
C LEU F 9 9.91 1.88 -1.70
N SER F 10 8.69 1.52 -2.07
CA SER F 10 7.71 1.12 -1.13
C SER F 10 8.23 -0.12 -0.42
N LYS F 11 8.87 -1.04 -1.16
CA LYS F 11 9.37 -2.25 -0.51
C LYS F 11 10.59 -1.97 0.40
N VAL F 12 11.49 -1.11 -0.08
CA VAL F 12 12.66 -0.73 0.71
C VAL F 12 12.26 -0.10 2.05
N SER F 13 11.37 0.89 1.96
CA SER F 13 10.89 1.58 3.16
C SER F 13 10.12 0.66 4.09
N PHE F 14 9.46 -0.35 3.53
CA PHE F 14 8.75 -1.32 4.38
C PHE F 14 9.74 -2.14 5.19
N VAL F 15 10.72 -2.73 4.52
CA VAL F 15 11.71 -3.59 5.19
C VAL F 15 12.46 -2.88 6.27
N ILE F 16 12.79 -1.62 6.00
CA ILE F 16 13.44 -0.76 6.99
C ILE F 16 12.61 -0.56 8.24
N LYS F 17 11.30 -0.44 8.10
CA LYS F 17 10.40 -0.17 9.21
C LYS F 17 10.19 -1.47 10.01
N LYS F 18 10.25 -2.60 9.30
CA LYS F 18 10.01 -3.88 9.90
C LYS F 18 11.19 -4.25 10.84
N ILE F 19 12.38 -4.49 10.27
CA ILE F 19 13.58 -4.80 11.06
C ILE F 19 13.62 -3.84 12.23
N ARG F 20 13.48 -2.55 11.94
CA ARG F 20 13.50 -1.52 12.98
C ARG F 20 12.66 -1.93 14.18
N LEU F 21 11.37 -2.16 13.95
CA LEU F 21 10.45 -2.60 15.02
C LEU F 21 10.73 -4.03 15.56
N GLU F 22 11.34 -4.87 14.73
CA GLU F 22 11.69 -6.23 15.13
C GLU F 22 12.93 -6.23 16.02
N LYS F 23 13.62 -5.09 16.03
CA LYS F 23 14.73 -4.82 16.95
C LYS F 23 14.35 -3.77 18.00
N GLY F 24 13.05 -3.55 18.18
CA GLY F 24 12.55 -2.56 19.12
C GLY F 24 13.49 -1.39 19.20
N MET F 25 13.65 -0.71 18.07
CA MET F 25 14.32 0.55 18.00
C MET F 25 13.29 1.60 17.59
N THR F 26 13.38 2.80 18.15
CA THR F 26 12.59 3.93 17.64
C THR F 26 13.17 4.51 16.32
N GLN F 27 12.46 5.46 15.72
CA GLN F 27 12.98 6.26 14.58
C GLN F 27 14.10 7.20 15.06
N GLU F 28 13.93 7.81 16.23
CA GLU F 28 15.00 8.63 16.86
C GLU F 28 16.32 7.83 17.03
N ASP F 29 16.19 6.53 17.35
CA ASP F 29 17.35 5.65 17.60
C ASP F 29 18.06 5.39 16.31
N LEU F 30 17.25 4.97 15.34
CA LEU F 30 17.78 4.57 14.07
C LEU F 30 18.46 5.76 13.43
N ALA F 31 17.77 6.90 13.47
CA ALA F 31 18.33 8.16 12.95
C ALA F 31 19.71 8.33 13.52
N TYR F 32 19.80 8.24 14.85
CA TYR F 32 21.09 8.39 15.53
C TYR F 32 22.14 7.34 15.07
N LYS F 33 21.83 6.05 15.15
CA LYS F 33 22.78 5.01 14.70
C LYS F 33 23.20 5.17 13.21
N SER F 34 22.29 5.64 12.37
CA SER F 34 22.53 5.85 10.92
C SER F 34 23.20 7.16 10.53
N ASN F 35 23.47 8.00 11.51
CA ASN F 35 23.93 9.33 11.24
CA ASN F 35 23.82 9.41 11.33
C ASN F 35 23.03 10.08 10.23
N LEU F 36 21.71 9.95 10.37
CA LEU F 36 20.69 10.64 9.63
C LEU F 36 19.80 11.47 10.56
N ASP F 37 19.03 12.38 9.99
CA ASP F 37 18.11 13.18 10.80
C ASP F 37 16.81 12.43 11.09
N ARG F 38 16.23 12.65 12.26
CA ARG F 38 15.00 11.96 12.62
C ARG F 38 13.83 12.26 11.65
N THR F 39 13.72 13.50 11.20
CA THR F 39 12.59 13.90 10.38
C THR F 39 12.69 13.16 9.04
N TYR F 40 13.91 12.83 8.63
CA TYR F 40 14.13 12.13 7.39
C TYR F 40 13.77 10.60 7.47
N ILE F 41 14.16 9.91 8.52
CA ILE F 41 13.69 8.53 8.76
C ILE F 41 12.17 8.56 8.77
N SER F 42 11.58 9.60 9.34
CA SER F 42 10.12 9.60 9.40
C SER F 42 9.61 9.66 7.98
N GLY F 43 10.24 10.50 7.16
CA GLY F 43 9.85 10.63 5.76
C GLY F 43 10.00 9.36 4.93
N ILE F 44 11.16 8.73 5.04
CA ILE F 44 11.38 7.51 4.33
C ILE F 44 10.27 6.48 4.64
N GLU F 45 9.97 6.24 5.91
CA GLU F 45 8.93 5.26 6.28
C GLU F 45 7.54 5.60 5.78
N ARG F 46 7.16 6.88 5.79
CA ARG F 46 5.78 7.24 5.40
C ARG F 46 5.57 7.56 3.92
N ASN F 47 6.54 8.21 3.28
CA ASN F 47 6.35 8.71 1.88
C ASN F 47 7.28 8.04 0.91
N SER F 48 7.82 6.93 1.39
CA SER F 48 8.90 6.20 0.78
C SER F 48 10.22 6.99 0.45
N ARG F 49 10.18 8.25 0.01
CA ARG F 49 11.41 9.12 -0.15
C ARG F 49 12.61 8.41 -0.78
N ASN F 50 13.15 9.01 -1.82
CA ASN F 50 14.07 8.33 -2.72
C ASN F 50 15.51 8.42 -2.25
N LEU F 51 15.90 7.56 -1.34
CA LEU F 51 17.27 7.55 -0.80
C LEU F 51 18.31 7.12 -1.81
N THR F 52 19.55 7.46 -1.48
CA THR F 52 20.69 7.05 -2.22
C THR F 52 21.24 5.76 -1.66
N ILE F 53 22.15 5.19 -2.42
CA ILE F 53 22.76 3.96 -1.99
C ILE F 53 23.56 4.19 -0.71
N LYS F 54 24.30 5.28 -0.66
CA LYS F 54 25.05 5.63 0.53
C LYS F 54 24.20 5.79 1.78
N SER F 55 23.01 6.34 1.67
CA SER F 55 22.15 6.50 2.82
C SER F 55 21.45 5.17 3.16
N LEU F 56 21.23 4.34 2.16
CA LEU F 56 20.66 3.00 2.39
C LEU F 56 21.68 2.20 3.21
N GLU F 57 22.95 2.27 2.79
CA GLU F 57 24.06 1.64 3.53
C GLU F 57 24.21 2.11 4.96
N LEU F 58 24.01 3.41 5.18
CA LEU F 58 24.08 3.98 6.51
C LEU F 58 22.92 3.46 7.32
N ILE F 59 21.74 3.39 6.73
CA ILE F 59 20.57 2.78 7.40
C ILE F 59 20.74 1.25 7.67
N MET F 60 21.49 0.54 6.84
CA MET F 60 21.77 -0.88 7.12
C MET F 60 22.64 -1.05 8.38
N LYS F 61 23.62 -0.16 8.52
CA LYS F 61 24.54 -0.17 9.67
C LYS F 61 23.83 0.18 10.96
N GLY F 62 22.89 1.10 10.87
CA GLY F 62 22.15 1.56 12.03
C GLY F 62 21.07 0.59 12.45
N LEU F 63 20.45 -0.08 11.49
CA LEU F 63 19.55 -1.18 11.79
C LEU F 63 20.29 -2.27 12.56
N GLU F 64 21.58 -2.48 12.24
CA GLU F 64 22.44 -3.56 12.81
C GLU F 64 22.09 -4.90 12.18
N VAL F 65 22.32 -4.97 10.86
CA VAL F 65 22.07 -6.14 10.02
C VAL F 65 23.08 -6.12 8.88
N SER F 66 23.58 -7.29 8.47
CA SER F 66 24.45 -7.32 7.30
C SER F 66 23.71 -6.82 6.04
N ASP F 67 24.48 -6.33 5.08
CA ASP F 67 23.94 -5.91 3.80
C ASP F 67 23.28 -7.11 3.12
N VAL F 68 23.92 -8.26 3.23
CA VAL F 68 23.37 -9.50 2.69
C VAL F 68 22.02 -9.86 3.34
N VAL F 69 21.92 -9.75 4.66
CA VAL F 69 20.66 -10.07 5.32
C VAL F 69 19.57 -9.15 4.82
N PHE F 70 19.91 -7.87 4.68
CA PHE F 70 18.92 -6.85 4.33
C PHE F 70 18.29 -7.18 3.02
N PHE F 71 19.15 -7.51 2.06
CA PHE F 71 18.69 -7.71 0.69
C PHE F 71 17.91 -8.99 0.59
N GLU F 72 18.26 -9.97 1.41
CA GLU F 72 17.52 -11.26 1.50
C GLU F 72 16.09 -10.95 1.92
N MET F 73 15.94 -10.23 3.03
CA MET F 73 14.61 -9.85 3.50
C MET F 73 13.88 -8.98 2.48
N LEU F 74 14.64 -8.16 1.73
CA LEU F 74 14.07 -7.34 0.65
C LEU F 74 13.55 -8.18 -0.48
N ILE F 75 14.35 -9.16 -0.89
CA ILE F 75 13.89 -10.14 -1.89
C ILE F 75 12.61 -10.84 -1.43
N LYS F 76 12.60 -11.35 -0.22
CA LYS F 76 11.42 -12.11 0.19
C LYS F 76 10.24 -11.14 0.05
N GLU F 77 10.32 -9.97 0.66
CA GLU F 77 9.18 -9.07 0.69
C GLU F 77 8.64 -8.63 -0.72
N ILE F 78 9.49 -8.72 -1.74
CA ILE F 78 9.12 -8.43 -3.12
C ILE F 78 8.19 -9.51 -3.64
N LEU F 79 8.47 -10.76 -3.29
CA LEU F 79 7.77 -11.91 -3.85
C LEU F 79 6.45 -12.20 -3.15
N LYS F 80 5.67 -11.15 -2.86
CA LYS F 80 4.42 -11.27 -2.10
C LYS F 80 4.64 -11.99 -0.77
#